data_1IKF
#
_entry.id   1IKF
#
_cell.length_a   52.600
_cell.length_b   70.200
_cell.length_c   118.400
_cell.angle_alpha   90.00
_cell.angle_beta   90.00
_cell.angle_gamma   90.00
#
_symmetry.space_group_name_H-M   'P 21 21 21'
#
loop_
_entity.id
_entity.type
_entity.pdbx_description
1 polymer 'IGG1-KAPPA R45-45-11 FAB (LIGHT CHAIN)'
2 polymer 'IGG1-KAPPA R45-45-11 FAB (HEAVY CHAIN)'
3 polymer 'CYCLOSPORIN A'
4 water water
#
loop_
_entity_poly.entity_id
_entity_poly.type
_entity_poly.pdbx_seq_one_letter_code
_entity_poly.pdbx_strand_id
1 'polypeptide(L)'
;DIQMTQTTSSLSASLGDRVTISCRASQDISTYLNWYQQKPDGTVKLLIFYTSRLRSGVPSRFSGSGSGTDYSLTISNLEQ
EDIATYFCQQGSRIPPTFGGGTKLEILRADAAPTVSIFPPSSEQLTSGGASVVCFLNNFYPKDINVKWKIDGSERQNGVL
NSWTDQDSKDSTYSMSSTLTLTKDEYERHNSYTCEATHKTSTSPIVKSFNRAAC
;
L
2 'polypeptide(L)'
;EVKLVESGGGLVQPGGSLKLSCATSGFTFSDYYMYWVRQNSEKRLEWVAFISNGGGSAFYADIVKGRFTISRDNAKNTLY
LQMSRLKSEDTAMYYCTRHTLYDTLYGNYPVWFADWGQGTLVTVSAAKTTPPSVYPLAPGSAAQTNSMVTLGCLVKGYFP
EPVTVTWNSGSLSSGVHTFPAVLQSDLYTLSSSVTVPSSSRPSETVTCNVAHPASSTKVDKKIVPRDC
;
H
3 'polypeptide(L)' (DAL)(MLE)(MLE)(MVA)(BMT)(ABA)(SAR)(MLE)V(MLE)A C
#
# COMPACT_ATOMS: atom_id res chain seq x y z
N ASP A 1 -12.21 20.42 16.78
CA ASP A 1 -12.85 19.47 15.91
C ASP A 1 -13.48 18.39 16.84
N ILE A 2 -14.29 17.45 16.33
CA ILE A 2 -14.87 16.34 17.09
C ILE A 2 -13.91 15.16 16.99
N GLN A 3 -13.67 14.33 18.00
CA GLN A 3 -12.66 13.31 17.82
C GLN A 3 -13.37 12.01 17.70
N MET A 4 -12.97 11.29 16.68
CA MET A 4 -13.56 10.01 16.42
C MET A 4 -12.58 8.94 16.94
N THR A 5 -13.10 7.93 17.56
CA THR A 5 -12.27 6.96 18.20
C THR A 5 -12.68 5.59 17.69
N GLN A 6 -11.86 4.74 17.06
CA GLN A 6 -12.30 3.40 16.69
C GLN A 6 -11.59 2.55 17.68
N THR A 7 -12.38 1.79 18.45
CA THR A 7 -11.89 0.95 19.56
C THR A 7 -10.82 -0.05 19.19
N THR A 8 -10.88 -0.63 17.98
CA THR A 8 -9.99 -1.67 17.61
C THR A 8 -9.32 -1.21 16.33
N SER A 9 -8.03 -1.47 16.12
CA SER A 9 -7.37 -1.12 14.88
C SER A 9 -7.05 -2.36 14.08
N SER A 10 -7.25 -3.56 14.58
CA SER A 10 -6.99 -4.74 13.79
C SER A 10 -7.91 -5.79 14.39
N LEU A 11 -8.70 -6.56 13.63
CA LEU A 11 -9.40 -7.72 14.18
C LEU A 11 -9.39 -8.87 13.16
N SER A 12 -9.37 -10.15 13.53
CA SER A 12 -9.35 -11.17 12.53
C SER A 12 -10.51 -12.10 12.80
N ALA A 13 -11.23 -12.53 11.78
CA ALA A 13 -12.42 -13.34 11.99
C ALA A 13 -12.47 -14.29 10.84
N SER A 14 -13.20 -15.38 10.93
CA SER A 14 -13.32 -16.37 9.88
C SER A 14 -14.39 -16.06 8.85
N LEU A 15 -14.27 -16.56 7.61
CA LEU A 15 -15.35 -16.39 6.63
C LEU A 15 -16.63 -16.97 7.22
N GLY A 16 -17.71 -16.27 6.93
CA GLY A 16 -18.95 -16.68 7.50
C GLY A 16 -19.24 -15.85 8.73
N ASP A 17 -18.27 -15.56 9.60
CA ASP A 17 -18.49 -14.74 10.78
C ASP A 17 -19.16 -13.37 10.58
N ARG A 18 -19.67 -12.89 11.69
CA ARG A 18 -20.35 -11.62 11.78
C ARG A 18 -19.30 -10.80 12.49
N VAL A 19 -18.96 -9.63 11.98
CA VAL A 19 -17.94 -8.81 12.58
C VAL A 19 -18.60 -7.48 12.79
N THR A 20 -18.42 -6.92 13.96
CA THR A 20 -18.90 -5.58 14.22
C THR A 20 -17.70 -4.67 14.48
N ILE A 21 -17.47 -3.65 13.65
CA ILE A 21 -16.44 -2.59 13.76
C ILE A 21 -17.14 -1.49 14.58
N SER A 22 -16.52 -0.91 15.61
CA SER A 22 -17.09 0.18 16.36
C SER A 22 -16.39 1.55 16.26
N CYS A 23 -17.21 2.58 16.38
CA CYS A 23 -16.77 3.95 16.29
C CYS A 23 -17.41 4.71 17.46
N ARG A 24 -16.74 5.75 17.98
CA ARG A 24 -17.28 6.52 19.08
C ARG A 24 -16.80 7.95 18.91
N ALA A 25 -17.81 8.81 19.01
CA ALA A 25 -17.63 10.21 18.83
C ALA A 25 -17.48 10.86 20.16
N SER A 26 -16.66 11.88 20.27
CA SER A 26 -16.47 12.56 21.54
C SER A 26 -17.66 13.37 22.02
N GLN A 27 -18.66 13.47 21.14
CA GLN A 27 -19.81 14.36 21.28
C GLN A 27 -20.99 13.76 20.53
N ASP A 28 -22.24 14.14 20.79
CA ASP A 28 -23.36 13.60 20.07
C ASP A 28 -23.26 14.06 18.62
N ILE A 29 -23.23 13.14 17.66
CA ILE A 29 -23.12 13.52 16.25
C ILE A 29 -24.39 13.30 15.41
N SER A 30 -25.52 13.23 16.12
CA SER A 30 -26.86 13.16 15.54
C SER A 30 -27.06 12.16 14.39
N THR A 31 -26.41 10.98 14.32
CA THR A 31 -26.64 9.99 13.26
C THR A 31 -26.00 10.42 11.90
N TYR A 32 -25.27 11.55 11.90
CA TYR A 32 -24.57 12.01 10.71
C TYR A 32 -23.16 11.43 10.68
N LEU A 33 -23.10 10.13 10.35
CA LEU A 33 -21.92 9.29 10.43
C LEU A 33 -21.94 8.45 9.17
N ASN A 34 -20.76 8.32 8.55
CA ASN A 34 -20.56 7.56 7.30
C ASN A 34 -19.42 6.54 7.40
N TRP A 35 -19.45 5.40 6.71
CA TRP A 35 -18.44 4.37 6.80
C TRP A 35 -17.80 4.25 5.44
N TYR A 36 -16.47 4.03 5.39
CA TYR A 36 -15.67 3.95 4.17
C TYR A 36 -14.88 2.69 4.15
N GLN A 37 -14.58 2.18 2.97
CA GLN A 37 -13.75 0.97 2.89
C GLN A 37 -12.49 1.25 2.08
N GLN A 38 -11.31 1.14 2.66
CA GLN A 38 -10.12 1.42 1.90
C GLN A 38 -9.55 0.04 1.79
N LYS A 39 -9.39 -0.43 0.58
CA LYS A 39 -8.90 -1.77 0.29
C LYS A 39 -7.38 -1.80 0.29
N PRO A 40 -6.68 -2.95 0.34
CA PRO A 40 -5.21 -3.01 0.29
C PRO A 40 -4.50 -2.17 -0.75
N ASP A 41 -5.13 -1.72 -1.84
CA ASP A 41 -4.39 -0.89 -2.78
C ASP A 41 -4.69 0.61 -2.78
N GLY A 42 -5.11 1.19 -1.65
CA GLY A 42 -5.43 2.61 -1.60
C GLY A 42 -6.85 2.94 -2.00
N THR A 43 -7.52 2.20 -2.87
CA THR A 43 -8.90 2.50 -3.26
C THR A 43 -9.87 2.59 -2.08
N VAL A 44 -10.65 3.65 -2.09
CA VAL A 44 -11.63 4.00 -1.08
C VAL A 44 -13.07 4.05 -1.64
N LYS A 45 -14.11 3.56 -0.97
CA LYS A 45 -15.49 3.75 -1.43
C LYS A 45 -16.45 4.01 -0.26
N LEU A 46 -17.56 4.74 -0.49
CA LEU A 46 -18.58 5.00 0.53
C LEU A 46 -19.30 3.69 0.72
N LEU A 47 -19.54 3.29 1.93
CA LEU A 47 -20.19 2.05 2.21
C LEU A 47 -21.56 2.41 2.81
N ILE A 48 -21.69 3.22 3.86
CA ILE A 48 -22.96 3.51 4.53
C ILE A 48 -22.91 4.99 4.92
N PHE A 49 -24.01 5.73 4.91
CA PHE A 49 -24.10 7.17 5.19
C PHE A 49 -25.33 7.39 6.05
N TYR A 50 -25.46 8.47 6.86
CA TYR A 50 -26.60 8.71 7.74
C TYR A 50 -26.77 7.45 8.56
N THR A 51 -25.70 7.08 9.27
CA THR A 51 -25.49 5.85 10.01
C THR A 51 -26.12 4.50 9.60
N SER A 52 -27.34 4.33 9.10
CA SER A 52 -27.88 3.05 8.74
C SER A 52 -28.09 2.89 7.27
N ARG A 53 -27.95 3.95 6.49
CA ARG A 53 -28.35 3.92 5.12
C ARG A 53 -27.24 3.46 4.18
N LEU A 54 -27.43 2.32 3.52
CA LEU A 54 -26.48 1.75 2.58
C LEU A 54 -26.50 2.46 1.24
N ARG A 55 -25.40 2.60 0.53
CA ARG A 55 -25.50 3.19 -0.78
C ARG A 55 -25.56 2.02 -1.77
N SER A 56 -26.01 2.34 -2.98
CA SER A 56 -26.17 1.38 -4.03
C SER A 56 -24.87 0.77 -4.55
N GLY A 57 -25.00 -0.56 -4.66
CA GLY A 57 -23.92 -1.42 -5.13
C GLY A 57 -23.31 -2.16 -3.94
N VAL A 58 -23.56 -1.75 -2.69
CA VAL A 58 -22.93 -2.36 -1.53
C VAL A 58 -23.80 -3.52 -1.10
N PRO A 59 -23.25 -4.68 -0.79
CA PRO A 59 -23.95 -5.76 -0.09
C PRO A 59 -24.80 -5.48 1.15
N SER A 60 -25.92 -6.17 1.20
CA SER A 60 -26.91 -6.18 2.27
C SER A 60 -26.29 -6.59 3.58
N ARG A 61 -25.20 -7.35 3.44
CA ARG A 61 -24.36 -7.79 4.54
C ARG A 61 -23.85 -6.66 5.43
N PHE A 62 -23.72 -5.46 4.86
CA PHE A 62 -23.24 -4.36 5.63
C PHE A 62 -24.48 -3.72 6.15
N SER A 63 -24.47 -3.51 7.46
CA SER A 63 -25.53 -2.77 8.11
C SER A 63 -24.87 -1.78 9.08
N GLY A 64 -25.48 -0.65 9.47
CA GLY A 64 -24.85 0.26 10.40
C GLY A 64 -25.84 0.87 11.34
N SER A 65 -25.68 0.87 12.66
CA SER A 65 -26.58 1.53 13.59
C SER A 65 -25.90 2.58 14.45
N GLY A 66 -26.63 3.28 15.31
CA GLY A 66 -26.03 4.16 16.28
C GLY A 66 -26.98 5.27 16.73
N SER A 67 -26.63 5.80 17.90
CA SER A 67 -27.30 6.90 18.52
C SER A 67 -26.23 7.60 19.31
N GLY A 68 -26.28 8.91 19.21
CA GLY A 68 -25.47 9.75 20.06
C GLY A 68 -24.03 9.78 19.66
N THR A 69 -23.23 9.04 20.40
CA THR A 69 -21.80 8.99 20.17
C THR A 69 -21.40 7.56 19.75
N ASP A 70 -22.24 6.52 19.86
CA ASP A 70 -21.83 5.15 19.56
C ASP A 70 -22.41 4.61 18.27
N TYR A 71 -21.56 4.03 17.42
CA TYR A 71 -21.87 3.58 16.06
C TYR A 71 -21.26 2.23 15.79
N SER A 72 -21.78 1.46 14.85
CA SER A 72 -21.29 0.14 14.52
C SER A 72 -21.48 -0.16 13.06
N LEU A 73 -20.56 -0.91 12.50
CA LEU A 73 -20.69 -1.40 11.15
C LEU A 73 -20.75 -2.90 11.43
N THR A 74 -21.76 -3.65 10.99
CA THR A 74 -21.78 -5.10 11.16
C THR A 74 -21.68 -5.60 9.74
N ILE A 75 -20.83 -6.60 9.56
CA ILE A 75 -20.65 -7.26 8.28
C ILE A 75 -21.21 -8.63 8.66
N SER A 76 -22.42 -8.86 8.18
CA SER A 76 -23.17 -10.09 8.41
C SER A 76 -22.45 -10.97 7.43
N ASN A 77 -21.80 -12.06 7.82
CA ASN A 77 -21.15 -12.94 6.86
C ASN A 77 -19.94 -12.41 6.13
N LEU A 78 -18.80 -12.73 6.73
CA LEU A 78 -17.54 -12.35 6.14
C LEU A 78 -17.27 -13.13 4.86
N GLU A 79 -17.05 -12.40 3.79
CA GLU A 79 -16.56 -12.96 2.56
C GLU A 79 -15.07 -12.58 2.42
N GLN A 80 -14.36 -13.28 1.55
CA GLN A 80 -12.95 -13.10 1.26
C GLN A 80 -12.58 -11.67 0.94
N GLU A 81 -13.52 -11.12 0.19
CA GLU A 81 -13.45 -9.78 -0.36
C GLU A 81 -13.33 -8.67 0.65
N ASP A 82 -13.77 -8.90 1.89
CA ASP A 82 -13.87 -7.83 2.87
C ASP A 82 -12.58 -7.43 3.53
N ILE A 83 -11.43 -7.97 3.12
CA ILE A 83 -10.15 -7.60 3.72
C ILE A 83 -9.94 -6.18 3.25
N ALA A 84 -9.89 -5.25 4.18
CA ALA A 84 -9.74 -3.85 3.87
C ALA A 84 -9.62 -3.15 5.20
N THR A 85 -9.60 -1.83 5.27
CA THR A 85 -9.49 -1.05 6.50
C THR A 85 -10.74 -0.18 6.47
N TYR A 86 -11.50 -0.11 7.56
CA TYR A 86 -12.80 0.54 7.58
C TYR A 86 -12.75 1.86 8.34
N PHE A 87 -13.25 2.99 7.84
CA PHE A 87 -13.12 4.21 8.59
C PHE A 87 -14.47 4.85 8.82
N CYS A 88 -14.80 5.30 10.03
CA CYS A 88 -15.99 6.11 10.22
C CYS A 88 -15.62 7.57 10.08
N GLN A 89 -16.54 8.43 9.69
CA GLN A 89 -16.23 9.82 9.56
C GLN A 89 -17.44 10.57 10.06
N GLN A 90 -17.33 11.62 10.86
CA GLN A 90 -18.53 12.30 11.25
C GLN A 90 -18.72 13.48 10.34
N GLY A 91 -19.98 13.73 10.01
CA GLY A 91 -20.32 14.89 9.25
C GLY A 91 -21.15 15.82 10.12
N SER A 92 -21.10 15.85 11.45
CA SER A 92 -21.94 16.78 12.20
C SER A 92 -21.40 18.19 12.19
N ARG A 93 -20.10 18.38 12.41
CA ARG A 93 -19.49 19.69 12.48
C ARG A 93 -18.38 19.71 11.44
N ILE A 94 -17.89 20.91 11.16
CA ILE A 94 -16.81 21.19 10.22
C ILE A 94 -15.56 21.38 11.09
N PRO A 95 -14.38 20.80 10.82
CA PRO A 95 -14.13 19.80 9.76
C PRO A 95 -14.80 18.43 9.90
N PRO A 96 -15.04 17.67 8.80
CA PRO A 96 -15.18 16.23 8.81
C PRO A 96 -13.94 15.63 9.45
N THR A 97 -14.12 14.73 10.42
CA THR A 97 -12.94 14.13 11.03
C THR A 97 -13.20 12.64 10.92
N PHE A 98 -12.10 11.97 10.62
CA PHE A 98 -12.08 10.56 10.38
C PHE A 98 -11.63 9.82 11.61
N GLY A 99 -12.04 8.57 11.74
CA GLY A 99 -11.54 7.72 12.79
C GLY A 99 -10.23 7.11 12.30
N GLY A 100 -9.56 6.34 13.13
CA GLY A 100 -8.27 5.80 12.76
C GLY A 100 -8.25 4.53 11.91
N GLY A 101 -9.35 3.82 11.81
CA GLY A 101 -9.39 2.65 10.99
C GLY A 101 -9.37 1.43 11.83
N THR A 102 -10.00 0.41 11.28
CA THR A 102 -9.92 -0.94 11.80
C THR A 102 -9.56 -1.82 10.61
N LYS A 103 -8.39 -2.43 10.70
CA LYS A 103 -7.97 -3.36 9.69
C LYS A 103 -8.59 -4.67 10.06
N LEU A 104 -9.20 -5.32 9.09
CA LEU A 104 -9.74 -6.64 9.26
C LEU A 104 -8.87 -7.67 8.52
N GLU A 105 -8.58 -8.77 9.18
CA GLU A 105 -7.74 -9.86 8.70
C GLU A 105 -8.59 -11.12 8.73
N ILE A 106 -8.40 -12.08 7.86
CA ILE A 106 -9.31 -13.21 7.85
C ILE A 106 -8.47 -14.32 8.47
N LEU A 107 -9.06 -15.01 9.41
CA LEU A 107 -8.39 -16.09 10.11
C LEU A 107 -8.50 -17.27 9.16
N ARG A 108 -7.45 -18.11 8.99
CA ARG A 108 -7.52 -19.27 8.13
C ARG A 108 -6.61 -20.40 8.62
N ALA A 109 -6.60 -21.52 7.89
CA ALA A 109 -5.78 -22.68 8.27
C ALA A 109 -4.32 -22.32 8.09
N ASP A 110 -3.47 -22.87 8.96
CA ASP A 110 -2.04 -22.62 8.99
C ASP A 110 -1.33 -23.11 7.73
N ALA A 111 -0.42 -22.31 7.20
CA ALA A 111 0.32 -22.70 6.02
C ALA A 111 1.76 -22.36 6.36
N ALA A 112 2.64 -23.31 6.05
CA ALA A 112 4.06 -23.16 6.32
C ALA A 112 4.66 -22.51 5.09
N PRO A 113 5.67 -21.66 5.26
CA PRO A 113 6.20 -20.85 4.21
C PRO A 113 6.99 -21.63 3.20
N THR A 114 7.01 -21.26 1.93
CA THR A 114 7.98 -21.84 1.04
C THR A 114 9.11 -20.83 1.03
N VAL A 115 10.28 -21.21 1.54
CA VAL A 115 11.43 -20.33 1.55
C VAL A 115 12.36 -20.55 0.35
N SER A 116 12.95 -19.52 -0.23
CA SER A 116 13.94 -19.64 -1.29
C SER A 116 15.09 -18.73 -0.89
N ILE A 117 16.37 -19.07 -1.11
CA ILE A 117 17.46 -18.20 -0.75
C ILE A 117 18.22 -17.78 -2.00
N PHE A 118 18.50 -16.52 -2.19
CA PHE A 118 19.12 -16.08 -3.41
C PHE A 118 20.47 -15.51 -3.10
N PRO A 119 21.56 -16.06 -3.62
CA PRO A 119 22.92 -15.49 -3.60
C PRO A 119 23.04 -14.16 -4.34
N PRO A 120 24.02 -13.28 -4.03
CA PRO A 120 24.11 -11.94 -4.62
C PRO A 120 24.26 -12.00 -6.12
N SER A 121 23.80 -11.07 -6.92
CA SER A 121 23.91 -11.26 -8.33
C SER A 121 25.26 -10.76 -8.82
N SER A 122 25.81 -11.31 -9.91
CA SER A 122 27.07 -10.85 -10.49
C SER A 122 27.16 -9.38 -10.74
N GLU A 123 26.08 -8.77 -11.19
CA GLU A 123 26.12 -7.35 -11.44
C GLU A 123 26.33 -6.61 -10.14
N GLN A 124 25.78 -7.09 -9.02
CA GLN A 124 25.88 -6.34 -7.79
C GLN A 124 27.30 -6.35 -7.33
N LEU A 125 27.85 -7.56 -7.28
CA LEU A 125 29.20 -7.79 -6.81
C LEU A 125 30.25 -6.99 -7.55
N THR A 126 30.19 -6.93 -8.86
CA THR A 126 31.19 -6.18 -9.60
C THR A 126 31.10 -4.71 -9.19
N SER A 127 29.90 -4.27 -8.86
CA SER A 127 29.68 -2.93 -8.40
C SER A 127 30.09 -2.73 -6.95
N GLY A 128 30.24 -3.76 -6.12
CA GLY A 128 30.71 -3.52 -4.76
C GLY A 128 30.02 -4.23 -3.61
N GLY A 129 28.70 -4.27 -3.64
CA GLY A 129 27.90 -4.81 -2.54
C GLY A 129 27.54 -6.24 -2.82
N ALA A 130 27.06 -6.91 -1.79
CA ALA A 130 26.65 -8.30 -1.87
C ALA A 130 25.36 -8.35 -1.13
N SER A 131 24.20 -8.63 -1.70
CA SER A 131 22.98 -8.68 -0.90
C SER A 131 22.45 -10.07 -1.09
N VAL A 132 22.18 -10.78 -0.01
CA VAL A 132 21.60 -12.11 -0.15
C VAL A 132 20.13 -12.03 0.27
N VAL A 133 19.22 -12.54 -0.58
CA VAL A 133 17.78 -12.40 -0.35
C VAL A 133 17.16 -13.70 0.10
N CYS A 134 16.12 -13.60 0.96
CA CYS A 134 15.37 -14.77 1.40
C CYS A 134 13.88 -14.52 1.29
N PHE A 135 13.20 -15.29 0.47
CA PHE A 135 11.75 -15.16 0.28
C PHE A 135 11.09 -16.22 1.11
N LEU A 136 10.15 -15.90 1.99
CA LEU A 136 9.44 -16.87 2.80
C LEU A 136 7.99 -16.67 2.34
N ASN A 137 7.54 -17.37 1.30
CA ASN A 137 6.23 -17.07 0.71
C ASN A 137 5.12 -17.91 1.26
N ASN A 138 3.92 -17.36 1.14
CA ASN A 138 2.66 -18.01 1.40
C ASN A 138 2.50 -18.69 2.73
N PHE A 139 2.32 -17.96 3.81
CA PHE A 139 2.21 -18.65 5.08
C PHE A 139 1.11 -18.03 5.90
N TYR A 140 0.81 -18.67 7.00
CA TYR A 140 -0.19 -18.14 7.88
C TYR A 140 0.14 -18.78 9.21
N PRO A 141 0.17 -18.15 10.38
CA PRO A 141 -0.11 -16.74 10.62
C PRO A 141 0.95 -15.74 10.19
N LYS A 142 0.76 -14.45 10.42
CA LYS A 142 1.72 -13.44 10.02
C LYS A 142 3.02 -13.50 10.78
N ASP A 143 2.94 -13.97 12.01
CA ASP A 143 4.08 -13.91 12.91
C ASP A 143 5.12 -14.92 12.53
N ILE A 144 6.29 -14.49 12.04
CA ILE A 144 7.39 -15.38 11.70
C ILE A 144 8.65 -14.64 12.11
N ASN A 145 9.73 -15.35 12.32
CA ASN A 145 10.98 -14.77 12.75
C ASN A 145 12.06 -15.37 11.87
N VAL A 146 12.91 -14.56 11.25
CA VAL A 146 14.02 -15.06 10.46
C VAL A 146 15.38 -14.70 11.11
N LYS A 147 16.38 -15.57 11.00
CA LYS A 147 17.74 -15.33 11.47
C LYS A 147 18.66 -15.70 10.32
N TRP A 148 19.64 -14.84 10.06
CA TRP A 148 20.68 -15.18 9.11
C TRP A 148 21.88 -15.67 9.90
N LYS A 149 22.59 -16.65 9.36
CA LYS A 149 23.75 -17.21 10.02
C LYS A 149 24.85 -17.40 8.97
N ILE A 150 25.99 -16.80 9.21
CA ILE A 150 27.09 -16.81 8.26
C ILE A 150 28.17 -17.59 8.96
N ASP A 151 28.47 -18.78 8.42
CA ASP A 151 29.43 -19.73 8.97
C ASP A 151 29.18 -20.04 10.45
N GLY A 152 27.92 -20.32 10.72
CA GLY A 152 27.52 -20.73 12.04
C GLY A 152 27.06 -19.57 12.91
N SER A 153 27.61 -18.38 12.76
CA SER A 153 27.23 -17.30 13.64
C SER A 153 26.09 -16.47 13.10
N GLU A 154 25.06 -16.24 13.88
CA GLU A 154 23.93 -15.40 13.47
C GLU A 154 24.39 -13.98 13.18
N ARG A 155 23.98 -13.31 12.10
CA ARG A 155 24.38 -11.93 11.89
C ARG A 155 23.14 -11.12 12.08
N GLN A 156 23.20 -10.14 12.95
CA GLN A 156 22.02 -9.36 13.17
C GLN A 156 21.99 -8.02 12.45
N ASN A 157 23.11 -7.43 12.03
CA ASN A 157 23.09 -6.10 11.41
C ASN A 157 22.90 -6.12 9.91
N GLY A 158 22.36 -5.01 9.41
CA GLY A 158 22.16 -4.82 7.98
C GLY A 158 21.12 -5.78 7.41
N VAL A 159 19.94 -5.90 8.06
CA VAL A 159 18.86 -6.77 7.58
C VAL A 159 17.58 -5.97 7.34
N LEU A 160 16.99 -6.03 6.16
CA LEU A 160 15.74 -5.30 5.88
C LEU A 160 14.64 -6.34 5.69
N ASN A 161 13.63 -6.32 6.58
CA ASN A 161 12.51 -7.28 6.55
C ASN A 161 11.18 -6.64 6.13
N SER A 162 10.44 -7.17 5.15
CA SER A 162 9.18 -6.58 4.67
C SER A 162 8.12 -7.68 4.58
N TRP A 163 6.85 -7.49 5.03
CA TRP A 163 5.79 -8.50 4.88
C TRP A 163 4.84 -7.97 3.86
N THR A 164 4.15 -8.78 3.07
CA THR A 164 3.10 -8.23 2.20
C THR A 164 1.84 -8.12 3.06
N ASP A 165 0.82 -7.46 2.52
CA ASP A 165 -0.52 -7.51 3.15
C ASP A 165 -1.16 -8.86 2.83
N GLN A 166 -2.23 -9.19 3.52
CA GLN A 166 -2.92 -10.44 3.30
C GLN A 166 -3.46 -10.58 1.89
N ASP A 167 -2.96 -11.57 1.19
CA ASP A 167 -3.37 -11.89 -0.16
C ASP A 167 -4.88 -12.05 -0.21
N SER A 168 -5.51 -11.17 -0.96
CA SER A 168 -6.95 -11.18 -1.24
C SER A 168 -7.57 -12.52 -1.59
N LYS A 169 -6.92 -13.46 -2.31
CA LYS A 169 -7.57 -14.71 -2.61
C LYS A 169 -7.19 -15.87 -1.72
N ASP A 170 -5.98 -16.07 -1.20
CA ASP A 170 -5.89 -17.20 -0.30
C ASP A 170 -5.55 -16.78 1.11
N SER A 171 -5.71 -15.51 1.48
CA SER A 171 -5.48 -15.06 2.84
C SER A 171 -4.12 -15.28 3.50
N THR A 172 -3.16 -15.44 2.63
CA THR A 172 -1.79 -15.75 3.02
C THR A 172 -0.91 -14.48 3.11
N TYR A 173 0.28 -14.57 3.74
CA TYR A 173 1.29 -13.52 3.85
C TYR A 173 2.59 -13.97 3.20
N SER A 174 3.46 -13.04 2.80
CA SER A 174 4.76 -13.37 2.25
C SER A 174 5.72 -12.40 2.85
N MET A 175 6.96 -12.80 3.05
CA MET A 175 7.94 -11.93 3.70
C MET A 175 9.25 -12.03 2.91
N SER A 176 10.05 -10.99 2.90
CA SER A 176 11.31 -10.97 2.19
C SER A 176 12.29 -10.40 3.21
N SER A 177 13.43 -11.07 3.38
CA SER A 177 14.54 -10.64 4.27
C SER A 177 15.80 -10.43 3.43
N THR A 178 16.40 -9.27 3.40
CA THR A 178 17.67 -9.14 2.69
C THR A 178 18.79 -8.85 3.68
N LEU A 179 19.95 -9.49 3.56
CA LEU A 179 21.14 -9.21 4.40
C LEU A 179 22.07 -8.50 3.44
N THR A 180 22.58 -7.29 3.70
CA THR A 180 23.55 -6.66 2.80
C THR A 180 24.96 -6.62 3.40
N LEU A 181 26.02 -6.96 2.64
CA LEU A 181 27.39 -6.82 3.11
C LEU A 181 28.20 -6.23 1.96
N THR A 182 29.50 -6.00 2.19
CA THR A 182 30.44 -5.56 1.14
C THR A 182 30.93 -6.83 0.44
N LYS A 183 31.28 -6.82 -0.84
CA LYS A 183 31.83 -7.97 -1.56
C LYS A 183 32.93 -8.56 -0.70
N ASP A 184 33.86 -7.71 -0.24
CA ASP A 184 34.94 -8.14 0.62
C ASP A 184 34.41 -8.95 1.76
N GLU A 185 33.56 -8.42 2.65
CA GLU A 185 32.96 -9.25 3.70
C GLU A 185 32.30 -10.52 3.19
N TYR A 186 31.62 -10.40 2.06
CA TYR A 186 30.88 -11.52 1.53
C TYR A 186 31.83 -12.64 1.12
N GLU A 187 32.98 -12.35 0.53
CA GLU A 187 33.87 -13.41 0.08
C GLU A 187 34.76 -14.02 1.16
N ARG A 188 34.70 -13.45 2.36
CA ARG A 188 35.47 -13.91 3.52
C ARG A 188 34.71 -15.08 4.18
N HIS A 189 33.59 -15.58 3.66
CA HIS A 189 32.79 -16.60 4.32
C HIS A 189 32.22 -17.51 3.28
N ASN A 190 32.06 -18.78 3.57
CA ASN A 190 31.50 -19.64 2.54
C ASN A 190 30.09 -20.19 2.77
N SER A 191 29.37 -20.19 3.91
CA SER A 191 27.99 -20.72 3.99
C SER A 191 27.04 -19.65 4.57
N TYR A 192 25.93 -19.43 3.85
CA TYR A 192 24.88 -18.45 4.16
C TYR A 192 23.56 -19.15 4.42
N THR A 193 22.97 -18.96 5.58
CA THR A 193 21.78 -19.66 5.99
C THR A 193 20.66 -18.70 6.38
N CYS A 194 19.47 -19.00 5.91
CA CYS A 194 18.26 -18.25 6.18
C CYS A 194 17.45 -19.20 7.08
N GLU A 195 17.20 -18.81 8.33
CA GLU A 195 16.50 -19.66 9.28
C GLU A 195 15.12 -19.08 9.69
N ALA A 196 14.00 -19.67 9.23
CA ALA A 196 12.65 -19.21 9.55
C ALA A 196 12.02 -19.98 10.72
N THR A 197 11.47 -19.33 11.72
CA THR A 197 10.82 -20.07 12.80
C THR A 197 9.39 -19.57 12.69
N HIS A 198 8.43 -20.50 12.69
CA HIS A 198 7.03 -20.22 12.49
C HIS A 198 6.21 -21.34 13.13
N LYS A 199 4.93 -21.10 13.48
CA LYS A 199 4.03 -22.05 14.12
C LYS A 199 3.93 -23.39 13.44
N THR A 200 3.85 -23.47 12.12
CA THR A 200 3.66 -24.73 11.44
C THR A 200 4.79 -25.75 11.55
N SER A 201 5.85 -25.46 12.30
CA SER A 201 6.97 -26.37 12.30
C SER A 201 7.54 -26.38 13.71
N THR A 202 8.19 -27.51 14.01
CA THR A 202 8.88 -27.64 15.29
C THR A 202 10.29 -27.06 15.07
N SER A 203 10.92 -27.71 14.09
CA SER A 203 12.28 -27.40 13.70
C SER A 203 12.16 -26.20 12.75
N PRO A 204 13.04 -25.23 12.91
CA PRO A 204 13.27 -24.18 11.95
C PRO A 204 13.31 -24.61 10.51
N ILE A 205 12.89 -23.70 9.64
CA ILE A 205 12.87 -23.92 8.22
C ILE A 205 14.23 -23.41 7.80
N VAL A 206 15.05 -24.18 7.11
CA VAL A 206 16.39 -23.76 6.83
C VAL A 206 16.70 -23.77 5.35
N LYS A 207 17.13 -22.64 4.79
CA LYS A 207 17.68 -22.66 3.44
C LYS A 207 19.13 -22.25 3.49
N SER A 208 19.99 -22.83 2.64
CA SER A 208 21.41 -22.53 2.63
C SER A 208 22.03 -22.58 1.26
N PHE A 209 23.19 -21.91 1.11
CA PHE A 209 23.99 -22.01 -0.08
C PHE A 209 25.41 -21.84 0.42
N ASN A 210 26.35 -22.58 -0.13
CA ASN A 210 27.75 -22.45 0.26
C ASN A 210 28.31 -21.68 -0.95
N ARG A 211 29.01 -20.57 -0.91
CA ARG A 211 29.47 -19.87 -2.12
C ARG A 211 30.15 -20.68 -3.23
N ALA A 212 30.61 -21.90 -2.95
CA ALA A 212 31.18 -22.79 -3.96
C ALA A 212 30.14 -23.85 -4.42
N ALA A 213 29.14 -24.16 -3.57
CA ALA A 213 28.05 -25.11 -3.86
C ALA A 213 26.81 -24.26 -3.53
N CYS A 214 26.81 -23.28 -4.42
CA CYS A 214 26.02 -22.08 -4.38
C CYS A 214 24.57 -22.11 -4.86
N GLU B 1 -18.70 4.70 -15.64
CA GLU B 1 -18.82 4.94 -14.22
C GLU B 1 -18.30 6.40 -14.16
N VAL B 2 -17.73 6.78 -13.03
CA VAL B 2 -17.28 8.10 -12.71
C VAL B 2 -15.79 7.89 -12.62
N LYS B 3 -14.94 8.79 -13.10
CA LYS B 3 -13.50 8.60 -13.00
C LYS B 3 -12.90 9.84 -12.29
N LEU B 4 -12.13 9.71 -11.21
CA LEU B 4 -11.49 10.88 -10.66
C LEU B 4 -10.05 10.46 -10.80
N VAL B 5 -9.21 11.19 -11.52
CA VAL B 5 -7.80 10.81 -11.67
C VAL B 5 -6.90 11.96 -11.24
N GLU B 6 -6.08 11.74 -10.22
CA GLU B 6 -5.22 12.82 -9.77
C GLU B 6 -3.83 12.54 -10.28
N SER B 7 -3.17 13.60 -10.70
CA SER B 7 -1.79 13.56 -11.13
C SER B 7 -1.01 14.72 -10.49
N GLY B 8 0.31 14.82 -10.56
CA GLY B 8 1.02 15.96 -10.00
C GLY B 8 1.99 15.64 -8.85
N GLY B 9 2.05 14.48 -8.19
CA GLY B 9 2.98 14.28 -7.06
C GLY B 9 4.46 14.04 -7.45
N GLY B 10 5.35 13.95 -6.47
CA GLY B 10 6.77 13.85 -6.73
C GLY B 10 7.46 14.57 -5.58
N LEU B 11 8.78 14.68 -5.58
CA LEU B 11 9.51 15.31 -4.49
C LEU B 11 9.41 16.82 -4.51
N VAL B 12 9.33 17.53 -3.41
CA VAL B 12 9.50 18.97 -3.45
C VAL B 12 10.27 19.23 -2.19
N GLN B 13 11.19 20.19 -2.27
CA GLN B 13 11.98 20.64 -1.14
C GLN B 13 10.96 21.34 -0.26
N PRO B 14 11.16 21.32 1.04
CA PRO B 14 10.43 22.16 1.96
C PRO B 14 10.46 23.62 1.51
N GLY B 15 9.38 24.39 1.60
CA GLY B 15 9.36 25.72 1.07
C GLY B 15 8.90 25.71 -0.39
N GLY B 16 8.79 24.57 -1.07
CA GLY B 16 8.47 24.54 -2.47
C GLY B 16 6.99 24.61 -2.80
N SER B 17 6.72 24.39 -4.08
CA SER B 17 5.37 24.51 -4.60
C SER B 17 5.21 23.36 -5.58
N LEU B 18 4.03 22.75 -5.64
CA LEU B 18 3.72 21.68 -6.57
C LEU B 18 2.24 21.89 -6.89
N LYS B 19 1.72 21.34 -7.97
CA LYS B 19 0.36 21.62 -8.36
C LYS B 19 -0.29 20.32 -8.77
N LEU B 20 -1.38 19.94 -8.13
CA LEU B 20 -1.99 18.68 -8.45
C LEU B 20 -3.17 18.97 -9.36
N SER B 21 -3.55 17.96 -10.14
CA SER B 21 -4.75 18.12 -10.93
C SER B 21 -5.63 16.89 -10.70
N CYS B 22 -6.92 17.01 -11.01
CA CYS B 22 -7.77 15.88 -10.90
C CYS B 22 -8.80 15.94 -12.03
N ALA B 23 -8.52 15.09 -12.99
CA ALA B 23 -9.28 14.90 -14.22
C ALA B 23 -10.50 14.13 -13.88
N THR B 24 -11.69 14.64 -14.15
CA THR B 24 -12.96 13.95 -13.83
C THR B 24 -13.84 13.55 -15.04
N SER B 25 -14.27 12.31 -15.28
CA SER B 25 -15.12 12.06 -16.42
C SER B 25 -16.27 11.12 -16.07
N GLY B 26 -17.27 11.10 -16.94
CA GLY B 26 -18.45 10.28 -16.72
C GLY B 26 -19.51 10.98 -15.88
N PHE B 27 -19.40 12.30 -15.65
CA PHE B 27 -20.40 13.07 -14.90
C PHE B 27 -20.28 14.58 -15.18
N THR B 28 -21.35 15.35 -15.03
CA THR B 28 -21.26 16.75 -15.38
C THR B 28 -20.61 17.54 -14.25
N PHE B 29 -19.29 17.63 -14.38
CA PHE B 29 -18.40 18.27 -13.43
C PHE B 29 -18.96 19.56 -12.88
N SER B 30 -19.56 20.38 -13.74
CA SER B 30 -20.07 21.67 -13.30
C SER B 30 -21.13 21.59 -12.20
N ASP B 31 -21.70 20.44 -11.93
CA ASP B 31 -22.79 20.36 -10.99
C ASP B 31 -22.32 19.80 -9.63
N TYR B 32 -21.03 19.50 -9.46
CA TYR B 32 -20.57 18.84 -8.27
C TYR B 32 -19.64 19.71 -7.49
N TYR B 33 -19.70 19.61 -6.17
CA TYR B 33 -18.72 20.26 -5.35
C TYR B 33 -17.49 19.34 -5.42
N MET B 34 -16.26 19.88 -5.41
CA MET B 34 -15.04 19.05 -5.47
C MET B 34 -14.21 19.14 -4.18
N TYR B 35 -13.47 18.12 -3.77
CA TYR B 35 -12.82 18.15 -2.48
C TYR B 35 -11.40 17.63 -2.52
N TRP B 36 -10.44 18.00 -1.68
CA TRP B 36 -9.21 17.22 -1.58
C TRP B 36 -9.14 16.59 -0.16
N VAL B 37 -8.74 15.33 -0.04
CA VAL B 37 -8.57 14.62 1.24
C VAL B 37 -7.13 14.09 1.23
N ARG B 38 -6.37 13.83 2.31
CA ARG B 38 -4.98 13.39 2.24
C ARG B 38 -4.72 12.34 3.28
N GLN B 39 -3.77 11.43 3.14
CA GLN B 39 -3.57 10.36 4.10
C GLN B 39 -2.09 10.20 4.19
N ASN B 40 -1.66 10.18 5.41
CA ASN B 40 -0.26 10.12 5.67
C ASN B 40 0.23 8.70 5.90
N SER B 41 1.50 8.53 6.22
CA SER B 41 2.13 7.23 6.43
C SER B 41 1.54 6.35 7.54
N GLU B 42 0.99 7.06 8.50
CA GLU B 42 0.31 6.47 9.62
C GLU B 42 -1.14 6.08 9.31
N LYS B 43 -1.58 6.18 8.05
CA LYS B 43 -2.94 5.94 7.59
C LYS B 43 -4.03 6.85 8.13
N ARG B 44 -3.72 8.03 8.65
CA ARG B 44 -4.75 8.95 9.14
C ARG B 44 -5.33 9.77 8.00
N LEU B 45 -6.64 9.89 7.81
CA LEU B 45 -7.19 10.64 6.68
C LEU B 45 -7.50 12.03 7.16
N GLU B 46 -7.29 12.99 6.27
CA GLU B 46 -7.42 14.40 6.59
C GLU B 46 -8.11 15.22 5.49
N TRP B 47 -9.12 16.04 5.79
CA TRP B 47 -9.78 16.80 4.76
C TRP B 47 -8.93 18.05 4.52
N VAL B 48 -8.57 18.44 3.30
CA VAL B 48 -7.78 19.64 3.20
C VAL B 48 -8.53 20.87 2.64
N ALA B 49 -9.40 20.76 1.64
CA ALA B 49 -10.12 21.91 1.10
C ALA B 49 -11.32 21.45 0.26
N PHE B 50 -12.25 22.36 -0.10
CA PHE B 50 -13.39 22.09 -0.99
C PHE B 50 -13.71 23.34 -1.79
N ILE B 51 -14.21 23.19 -3.01
CA ILE B 51 -14.61 24.35 -3.78
C ILE B 51 -15.99 24.02 -4.35
N SER B 52 -16.85 25.03 -4.32
CA SER B 52 -18.20 24.93 -4.85
C SER B 52 -18.17 24.78 -6.35
N ASN B 53 -19.17 24.10 -6.95
CA ASN B 53 -19.20 23.84 -8.38
C ASN B 53 -19.00 25.08 -9.24
N GLY B 54 -19.60 26.20 -8.83
CA GLY B 54 -19.34 27.45 -9.53
C GLY B 54 -17.90 27.98 -9.45
N GLY B 55 -17.09 27.74 -8.42
CA GLY B 55 -15.76 28.34 -8.33
C GLY B 55 -15.72 29.44 -7.27
N GLY B 56 -16.91 29.95 -6.96
CA GLY B 56 -17.09 31.04 -6.03
C GLY B 56 -16.50 30.83 -4.65
N SER B 57 -16.96 29.83 -3.93
CA SER B 57 -16.42 29.59 -2.60
C SER B 57 -15.51 28.38 -2.53
N ALA B 58 -14.40 28.62 -1.84
CA ALA B 58 -13.39 27.63 -1.58
C ALA B 58 -13.27 27.62 -0.07
N PHE B 59 -13.28 26.51 0.66
CA PHE B 59 -13.15 26.51 2.13
C PHE B 59 -11.92 25.65 2.51
N TYR B 60 -11.15 26.02 3.57
CA TYR B 60 -9.86 25.39 3.93
C TYR B 60 -9.73 24.89 5.34
N ALA B 61 -9.00 23.80 5.44
CA ALA B 61 -8.67 23.29 6.74
C ALA B 61 -7.58 24.22 7.23
N ASP B 62 -7.66 24.68 8.48
CA ASP B 62 -6.72 25.58 9.13
C ASP B 62 -5.30 25.23 8.80
N ILE B 63 -4.82 24.00 8.97
CA ILE B 63 -3.42 23.64 8.61
C ILE B 63 -2.87 23.92 7.21
N VAL B 64 -3.73 24.27 6.25
CA VAL B 64 -3.31 24.58 4.91
C VAL B 64 -3.87 25.93 4.46
N LYS B 65 -4.67 26.61 5.27
CA LYS B 65 -5.30 27.89 5.00
C LYS B 65 -4.16 28.89 4.80
N GLY B 66 -4.04 29.49 3.63
CA GLY B 66 -3.04 30.53 3.44
C GLY B 66 -1.86 30.06 2.64
N ARG B 67 -1.65 28.75 2.63
CA ARG B 67 -0.59 28.11 1.88
C ARG B 67 -1.16 27.37 0.66
N PHE B 68 -2.36 26.75 0.71
CA PHE B 68 -2.87 26.03 -0.45
C PHE B 68 -4.07 26.75 -1.04
N THR B 69 -4.13 26.83 -2.35
CA THR B 69 -5.23 27.48 -3.07
C THR B 69 -5.96 26.36 -3.82
N ILE B 70 -7.29 26.31 -3.83
CA ILE B 70 -7.98 25.27 -4.58
C ILE B 70 -8.65 25.95 -5.80
N SER B 71 -8.82 25.29 -6.94
CA SER B 71 -9.39 25.97 -8.09
C SER B 71 -9.97 24.98 -9.07
N ARG B 72 -10.84 25.36 -10.01
CA ARG B 72 -11.31 24.42 -11.01
C ARG B 72 -11.44 25.04 -12.41
N ASP B 73 -11.37 24.25 -13.51
CA ASP B 73 -11.59 24.71 -14.84
C ASP B 73 -12.76 23.84 -15.24
N ASN B 74 -13.94 24.46 -15.10
CA ASN B 74 -15.18 23.78 -15.41
C ASN B 74 -15.26 23.35 -16.86
N ALA B 75 -14.62 24.13 -17.72
CA ALA B 75 -14.60 23.83 -19.14
C ALA B 75 -13.78 22.56 -19.42
N LYS B 76 -12.78 22.16 -18.63
CA LYS B 76 -11.92 21.02 -18.96
C LYS B 76 -12.12 19.85 -18.04
N ASN B 77 -13.11 19.89 -17.15
CA ASN B 77 -13.35 18.80 -16.22
C ASN B 77 -12.11 18.52 -15.31
N THR B 78 -11.30 19.54 -14.98
CA THR B 78 -10.13 19.36 -14.14
C THR B 78 -10.23 20.27 -12.90
N LEU B 79 -9.83 19.74 -11.73
CA LEU B 79 -9.77 20.46 -10.46
C LEU B 79 -8.32 20.52 -9.96
N TYR B 80 -7.91 21.59 -9.27
CA TYR B 80 -6.52 21.81 -8.86
C TYR B 80 -6.30 22.07 -7.39
N LEU B 81 -5.09 21.76 -6.92
CA LEU B 81 -4.63 22.17 -5.60
C LEU B 81 -3.27 22.78 -5.89
N GLN B 82 -3.09 24.09 -5.76
CA GLN B 82 -1.76 24.65 -5.94
C GLN B 82 -1.25 24.58 -4.53
N MET B 83 -0.10 23.96 -4.31
CA MET B 83 0.42 23.76 -2.98
C MET B 83 1.63 24.65 -2.86
N SER B 84 1.72 25.66 -2.01
CA SER B 84 2.94 26.39 -1.85
C SER B 84 3.33 26.33 -0.40
N ARG B 85 4.53 26.76 -0.06
CA ARG B 85 5.02 26.83 1.31
C ARG B 85 4.99 25.50 2.02
N LEU B 86 5.16 24.43 1.24
CA LEU B 86 5.13 23.08 1.75
C LEU B 86 6.10 22.89 2.92
N LYS B 87 5.60 22.08 3.84
CA LYS B 87 6.24 21.66 5.05
C LYS B 87 6.29 20.16 4.92
N SER B 88 7.26 19.46 5.52
CA SER B 88 7.31 18.01 5.42
C SER B 88 6.02 17.27 5.87
N GLU B 89 5.30 17.90 6.79
CA GLU B 89 4.01 17.43 7.31
C GLU B 89 3.04 17.23 6.17
N ASP B 90 3.17 18.03 5.12
CA ASP B 90 2.33 17.85 3.99
C ASP B 90 2.57 16.61 3.19
N THR B 91 3.49 15.73 3.57
CA THR B 91 3.82 14.55 2.82
C THR B 91 2.59 13.68 3.01
N ALA B 92 1.96 13.20 1.95
CA ALA B 92 0.75 12.37 2.08
C ALA B 92 0.30 11.86 0.73
N MET B 93 -0.68 10.96 0.59
CA MET B 93 -1.25 10.56 -0.70
C MET B 93 -2.34 11.59 -0.85
N TYR B 94 -2.48 12.34 -1.93
CA TYR B 94 -3.61 13.23 -2.03
C TYR B 94 -4.71 12.64 -2.91
N TYR B 95 -5.92 12.69 -2.42
CA TYR B 95 -7.11 12.17 -3.09
C TYR B 95 -8.05 13.29 -3.49
N CYS B 96 -8.95 13.08 -4.46
CA CYS B 96 -9.94 14.08 -4.83
C CYS B 96 -11.25 13.32 -4.93
N THR B 97 -12.34 13.97 -4.52
CA THR B 97 -13.66 13.39 -4.52
C THR B 97 -14.75 14.40 -4.96
N ARG B 98 -15.97 13.92 -5.21
CA ARG B 98 -17.14 14.77 -5.47
C ARG B 98 -18.16 14.43 -4.41
N HIS B 99 -18.96 15.48 -4.10
CA HIS B 99 -20.10 15.43 -3.19
C HIS B 99 -21.19 14.60 -3.79
N THR B 100 -22.16 14.21 -2.97
CA THR B 100 -23.43 13.70 -3.47
C THR B 100 -24.49 13.96 -2.42
N LEU B 101 -25.62 14.53 -2.86
CA LEU B 101 -26.71 14.87 -1.97
C LEU B 101 -27.68 13.69 -2.06
N TYR B 102 -27.84 12.97 -0.99
CA TYR B 102 -28.75 11.83 -0.99
C TYR B 102 -30.09 12.24 -0.44
N ASP B 103 -31.05 11.53 -0.95
CA ASP B 103 -32.45 11.72 -0.64
C ASP B 103 -32.84 11.02 0.65
N THR B 104 -33.30 11.85 1.57
CA THR B 104 -33.92 11.46 2.82
C THR B 104 -35.36 11.95 2.61
N LEU B 105 -36.32 11.44 3.34
CA LEU B 105 -37.70 11.88 3.23
C LEU B 105 -37.91 13.38 3.48
N TYR B 106 -37.15 13.88 4.46
CA TYR B 106 -37.30 15.23 4.98
C TYR B 106 -36.08 16.14 4.83
N GLY B 107 -35.29 15.89 3.79
CA GLY B 107 -34.10 16.68 3.58
C GLY B 107 -33.14 15.85 2.76
N ASN B 108 -31.99 16.40 2.43
CA ASN B 108 -31.04 15.73 1.59
C ASN B 108 -29.85 15.63 2.47
N TYR B 109 -29.16 14.52 2.39
CA TYR B 109 -28.01 14.30 3.25
C TYR B 109 -26.76 14.49 2.43
N PRO B 110 -25.88 15.40 2.83
CA PRO B 110 -24.78 15.82 2.03
C PRO B 110 -23.59 14.91 2.34
N VAL B 111 -23.14 14.13 1.36
CA VAL B 111 -21.94 13.34 1.57
C VAL B 111 -20.83 14.08 0.82
N TRP B 112 -19.75 14.51 1.47
CA TRP B 112 -18.68 15.18 0.76
C TRP B 112 -17.80 14.16 0.06
N PHE B 113 -17.57 12.96 0.57
CA PHE B 113 -16.62 12.05 -0.03
C PHE B 113 -17.27 10.80 -0.69
N ALA B 114 -18.14 11.04 -1.69
CA ALA B 114 -18.91 9.96 -2.30
C ALA B 114 -18.10 9.09 -3.25
N ASP B 115 -17.37 9.77 -4.12
CA ASP B 115 -16.56 9.11 -5.11
C ASP B 115 -15.11 9.59 -5.06
N TRP B 116 -14.19 8.69 -4.79
CA TRP B 116 -12.79 9.04 -4.60
C TRP B 116 -11.97 8.64 -5.82
N GLY B 117 -10.76 9.22 -6.09
CA GLY B 117 -9.88 8.79 -7.20
C GLY B 117 -8.84 7.78 -6.75
N GLN B 118 -7.74 7.46 -7.46
CA GLN B 118 -6.76 6.54 -6.88
C GLN B 118 -5.79 7.22 -5.91
N GLY B 119 -5.45 8.49 -6.10
CA GLY B 119 -4.50 9.23 -5.26
C GLY B 119 -3.17 9.54 -5.95
N THR B 120 -2.44 10.56 -5.46
CA THR B 120 -1.08 10.92 -5.93
C THR B 120 -0.20 11.35 -4.72
N LEU B 121 0.95 10.68 -4.61
CA LEU B 121 1.83 10.84 -3.46
C LEU B 121 2.69 12.10 -3.53
N VAL B 122 2.89 12.90 -2.48
CA VAL B 122 3.85 13.95 -2.58
C VAL B 122 4.73 13.67 -1.39
N THR B 123 6.03 13.72 -1.60
CA THR B 123 7.00 13.51 -0.57
C THR B 123 7.61 14.90 -0.45
N VAL B 124 7.69 15.54 0.71
CA VAL B 124 8.30 16.85 0.80
C VAL B 124 9.62 16.60 1.52
N SER B 125 10.78 16.90 0.93
CA SER B 125 12.09 16.60 1.51
C SER B 125 13.24 17.27 0.78
N ALA B 126 14.35 17.44 1.48
CA ALA B 126 15.56 17.96 0.89
C ALA B 126 16.33 16.88 0.15
N ALA B 127 16.00 15.59 0.33
CA ALA B 127 16.71 14.51 -0.32
C ALA B 127 16.57 14.52 -1.84
N LYS B 128 17.68 14.32 -2.48
CA LYS B 128 17.80 14.44 -3.91
C LYS B 128 17.16 13.19 -4.44
N THR B 129 16.41 13.26 -5.53
CA THR B 129 16.02 12.01 -6.15
C THR B 129 17.21 11.11 -6.59
N THR B 130 17.15 9.85 -6.09
CA THR B 130 18.07 8.78 -6.41
C THR B 130 17.41 7.66 -7.27
N PRO B 131 17.87 7.27 -8.49
CA PRO B 131 17.33 6.16 -9.29
C PRO B 131 17.54 4.82 -8.59
N PRO B 132 16.84 3.71 -8.89
CA PRO B 132 17.03 2.44 -8.21
C PRO B 132 18.09 1.63 -8.92
N SER B 133 18.88 0.76 -8.29
CA SER B 133 19.74 -0.12 -9.07
C SER B 133 18.91 -1.40 -9.09
N VAL B 134 18.70 -2.08 -10.19
CA VAL B 134 17.87 -3.28 -10.16
C VAL B 134 18.72 -4.51 -10.33
N TYR B 135 18.54 -5.53 -9.50
CA TYR B 135 19.31 -6.77 -9.56
C TYR B 135 18.46 -8.01 -9.76
N PRO B 136 18.74 -8.84 -10.74
CA PRO B 136 18.03 -10.09 -10.97
C PRO B 136 18.46 -11.13 -9.96
N LEU B 137 17.53 -11.83 -9.37
CA LEU B 137 17.85 -12.88 -8.44
C LEU B 137 17.48 -14.12 -9.23
N ALA B 138 18.41 -15.03 -9.44
CA ALA B 138 18.16 -16.29 -10.10
C ALA B 138 18.49 -17.42 -9.12
N PRO B 139 17.99 -18.65 -9.23
CA PRO B 139 18.26 -19.72 -8.30
C PRO B 139 19.72 -20.10 -8.16
N GLY B 140 20.02 -20.63 -6.97
CA GLY B 140 21.32 -21.17 -6.61
C GLY B 140 21.67 -22.40 -7.47
N SER B 141 22.97 -22.62 -7.63
CA SER B 141 23.59 -23.64 -8.47
C SER B 141 23.08 -25.08 -8.39
N ALA B 142 22.40 -25.51 -7.33
CA ALA B 142 21.99 -26.90 -7.23
C ALA B 142 20.72 -27.17 -8.03
N ALA B 143 21.00 -27.71 -9.22
CA ALA B 143 20.03 -28.16 -10.21
C ALA B 143 18.60 -28.39 -9.72
N GLN B 144 17.77 -27.56 -10.35
CA GLN B 144 16.39 -27.48 -9.96
C GLN B 144 15.61 -28.75 -10.21
N THR B 145 15.37 -29.44 -9.10
CA THR B 145 14.53 -30.62 -9.14
C THR B 145 13.34 -30.37 -8.23
N ASN B 146 12.66 -29.36 -8.73
CA ASN B 146 11.44 -28.84 -8.17
C ASN B 146 10.54 -28.56 -9.37
N SER B 147 9.25 -28.52 -9.11
CA SER B 147 8.22 -28.34 -10.13
C SER B 147 8.15 -26.89 -10.58
N MET B 148 8.06 -26.06 -9.56
CA MET B 148 7.93 -24.66 -9.76
C MET B 148 9.31 -24.07 -9.50
N VAL B 149 9.65 -22.93 -10.12
CA VAL B 149 10.87 -22.23 -9.80
C VAL B 149 10.52 -20.79 -9.39
N THR B 150 11.10 -20.29 -8.28
CA THR B 150 10.90 -18.90 -7.89
C THR B 150 12.11 -18.09 -8.36
N LEU B 151 11.89 -16.99 -9.07
CA LEU B 151 12.89 -16.01 -9.49
C LEU B 151 12.53 -14.72 -8.75
N GLY B 152 13.45 -13.77 -8.68
CA GLY B 152 13.20 -12.55 -7.93
C GLY B 152 13.89 -11.38 -8.58
N CYS B 153 13.60 -10.17 -8.13
CA CYS B 153 14.20 -8.95 -8.63
C CYS B 153 14.32 -7.95 -7.45
N LEU B 154 15.49 -7.33 -7.20
CA LEU B 154 15.74 -6.53 -6.00
C LEU B 154 15.82 -5.12 -6.50
N VAL B 155 15.11 -4.14 -5.98
CA VAL B 155 15.32 -2.84 -6.56
C VAL B 155 15.76 -2.01 -5.36
N LYS B 156 17.02 -1.61 -5.45
CA LYS B 156 17.75 -1.06 -4.33
C LYS B 156 18.19 0.40 -4.27
N GLY B 157 18.03 1.12 -3.17
CA GLY B 157 18.61 2.42 -3.04
C GLY B 157 17.99 3.44 -3.94
N TYR B 158 16.67 3.67 -3.81
CA TYR B 158 16.05 4.74 -4.60
C TYR B 158 15.30 5.71 -3.71
N PHE B 159 14.92 6.88 -4.26
CA PHE B 159 14.13 7.93 -3.62
C PHE B 159 13.62 8.91 -4.70
N PRO B 160 12.39 9.45 -4.61
CA PRO B 160 11.34 9.14 -3.63
C PRO B 160 10.57 7.85 -3.97
N GLU B 161 9.37 7.68 -3.36
CA GLU B 161 8.40 6.65 -3.72
C GLU B 161 7.48 7.34 -4.75
N PRO B 162 6.82 6.65 -5.70
CA PRO B 162 6.80 5.18 -5.81
C PRO B 162 7.71 4.54 -6.86
N VAL B 163 7.65 3.21 -7.04
CA VAL B 163 8.40 2.55 -8.11
C VAL B 163 7.44 1.46 -8.62
N THR B 164 7.35 1.09 -9.89
CA THR B 164 6.31 0.17 -10.36
C THR B 164 7.03 -1.07 -10.79
N VAL B 165 6.80 -2.26 -10.27
CA VAL B 165 7.59 -3.41 -10.64
C VAL B 165 6.70 -4.29 -11.51
N THR B 166 6.77 -4.53 -12.81
CA THR B 166 5.90 -5.55 -13.38
C THR B 166 6.79 -6.69 -13.82
N TRP B 167 6.17 -7.87 -14.03
CA TRP B 167 6.88 -9.02 -14.54
C TRP B 167 6.38 -9.34 -15.94
N ASN B 168 7.32 -9.28 -16.89
CA ASN B 168 7.06 -9.49 -18.30
C ASN B 168 5.88 -8.58 -18.73
N SER B 169 5.90 -7.32 -18.29
CA SER B 169 4.96 -6.25 -18.61
C SER B 169 3.48 -6.45 -18.33
N GLY B 170 3.22 -7.50 -17.57
CA GLY B 170 1.88 -7.78 -17.17
C GLY B 170 1.65 -9.25 -17.33
N SER B 171 2.23 -9.87 -18.36
CA SER B 171 2.04 -11.27 -18.70
C SER B 171 2.23 -12.26 -17.56
N LEU B 172 3.04 -11.98 -16.52
CA LEU B 172 3.08 -12.87 -15.38
C LEU B 172 2.46 -12.08 -14.26
N SER B 173 1.25 -12.40 -13.85
CA SER B 173 0.71 -11.81 -12.63
C SER B 173 0.33 -12.85 -11.55
N SER B 174 0.30 -14.14 -11.91
CA SER B 174 0.03 -15.21 -10.96
C SER B 174 1.34 -15.63 -10.32
N GLY B 175 1.32 -15.65 -8.99
CA GLY B 175 2.49 -15.96 -8.20
C GLY B 175 3.41 -14.76 -8.06
N VAL B 176 3.02 -13.52 -8.37
CA VAL B 176 3.87 -12.34 -8.23
C VAL B 176 3.69 -11.79 -6.81
N HIS B 177 4.73 -11.45 -6.07
CA HIS B 177 4.60 -10.86 -4.75
C HIS B 177 5.53 -9.67 -4.75
N THR B 178 5.09 -8.43 -4.54
CA THR B 178 5.97 -7.31 -4.52
C THR B 178 5.94 -6.81 -3.11
N PHE B 179 7.09 -6.70 -2.48
CA PHE B 179 7.11 -6.37 -1.09
C PHE B 179 7.10 -4.88 -0.91
N PRO B 180 6.50 -4.32 0.12
CA PRO B 180 6.68 -2.96 0.53
C PRO B 180 8.10 -2.58 0.71
N ALA B 181 8.21 -1.33 0.37
CA ALA B 181 9.44 -0.61 0.45
C ALA B 181 9.71 -0.24 1.88
N VAL B 182 10.92 -0.54 2.39
CA VAL B 182 11.35 -0.12 3.72
C VAL B 182 12.51 0.89 3.56
N LEU B 183 12.46 1.94 4.36
CA LEU B 183 13.46 2.97 4.25
C LEU B 183 14.64 2.36 4.97
N GLN B 184 15.76 2.06 4.27
CA GLN B 184 16.90 1.46 4.94
C GLN B 184 17.78 2.50 5.63
N SER B 185 18.27 3.49 4.88
CA SER B 185 19.07 4.54 5.49
C SER B 185 18.42 5.86 5.11
N ASP B 186 18.58 6.31 3.88
CA ASP B 186 17.90 7.53 3.45
C ASP B 186 17.20 7.21 2.15
N LEU B 187 17.23 5.95 1.73
CA LEU B 187 16.85 5.46 0.42
C LEU B 187 16.07 4.18 0.67
N TYR B 188 15.11 3.86 -0.19
CA TYR B 188 14.25 2.69 -0.05
C TYR B 188 14.78 1.44 -0.72
N THR B 189 14.40 0.25 -0.27
CA THR B 189 14.67 -0.95 -1.03
C THR B 189 13.35 -1.73 -1.10
N LEU B 190 12.93 -2.27 -2.24
CA LEU B 190 11.85 -3.25 -2.27
C LEU B 190 12.34 -4.43 -3.10
N SER B 191 11.60 -5.55 -3.07
CA SER B 191 11.90 -6.72 -3.86
C SER B 191 10.61 -7.32 -4.39
N SER B 192 10.60 -8.26 -5.31
CA SER B 192 9.40 -8.84 -5.86
C SER B 192 9.81 -10.22 -6.33
N SER B 193 8.95 -11.21 -6.22
CA SER B 193 9.25 -12.53 -6.73
C SER B 193 8.11 -13.05 -7.59
N VAL B 194 8.46 -13.97 -8.47
CA VAL B 194 7.50 -14.62 -9.31
C VAL B 194 7.86 -16.12 -9.24
N THR B 195 6.89 -17.02 -9.35
CA THR B 195 7.15 -18.46 -9.36
C THR B 195 6.52 -18.89 -10.67
N VAL B 196 7.36 -19.36 -11.57
CA VAL B 196 7.03 -19.75 -12.92
C VAL B 196 7.28 -21.27 -12.95
N PRO B 197 6.92 -22.19 -13.86
CA PRO B 197 7.24 -23.61 -13.68
C PRO B 197 8.57 -23.90 -14.32
N SER B 198 9.25 -24.95 -13.87
CA SER B 198 10.56 -25.33 -14.41
C SER B 198 10.65 -25.47 -15.93
N SER B 199 9.53 -25.78 -16.57
CA SER B 199 9.47 -25.83 -18.01
C SER B 199 9.41 -24.45 -18.67
N SER B 200 9.35 -23.36 -17.92
CA SER B 200 9.20 -22.06 -18.52
C SER B 200 10.51 -21.32 -18.46
N ARG B 201 11.23 -21.22 -17.35
CA ARG B 201 12.51 -20.54 -17.37
C ARG B 201 13.43 -21.70 -17.13
N PRO B 202 14.48 -21.93 -17.92
CA PRO B 202 15.16 -20.94 -18.73
C PRO B 202 14.77 -20.71 -20.19
N SER B 203 13.86 -21.58 -20.60
CA SER B 203 13.44 -21.81 -21.97
C SER B 203 12.86 -20.55 -22.60
N GLU B 204 11.78 -20.08 -22.00
CA GLU B 204 11.13 -18.83 -22.31
C GLU B 204 11.83 -17.82 -21.36
N THR B 205 11.82 -16.51 -21.58
CA THR B 205 12.60 -15.60 -20.75
C THR B 205 11.76 -14.88 -19.70
N VAL B 206 12.22 -14.62 -18.49
CA VAL B 206 11.41 -13.84 -17.55
C VAL B 206 12.05 -12.47 -17.42
N THR B 207 11.31 -11.36 -17.24
CA THR B 207 11.91 -10.03 -17.14
C THR B 207 11.25 -9.22 -16.04
N CYS B 208 12.01 -8.56 -15.13
CA CYS B 208 11.29 -7.60 -14.29
C CYS B 208 11.62 -6.28 -14.92
N ASN B 209 10.48 -5.61 -15.03
CA ASN B 209 10.31 -4.34 -15.69
C ASN B 209 10.11 -3.44 -14.48
N VAL B 210 10.93 -2.43 -14.27
CA VAL B 210 10.70 -1.56 -13.16
C VAL B 210 10.85 -0.17 -13.65
N ALA B 211 9.95 0.68 -13.18
CA ALA B 211 9.91 2.10 -13.46
C ALA B 211 9.90 2.95 -12.22
N HIS B 212 10.75 3.95 -12.17
CA HIS B 212 10.81 4.91 -11.09
C HIS B 212 10.56 6.18 -11.86
N PRO B 213 9.31 6.69 -11.97
CA PRO B 213 9.04 8.01 -12.58
C PRO B 213 9.88 9.20 -12.05
N ALA B 214 10.13 9.42 -10.77
CA ALA B 214 10.82 10.61 -10.30
C ALA B 214 12.20 10.87 -10.84
N SER B 215 12.90 9.90 -11.40
CA SER B 215 14.23 10.05 -11.99
C SER B 215 14.10 9.73 -13.46
N SER B 216 12.84 9.63 -13.92
CA SER B 216 12.47 9.12 -15.22
C SER B 216 13.24 7.85 -15.65
N THR B 217 13.17 6.80 -14.83
CA THR B 217 13.94 5.60 -15.06
C THR B 217 13.05 4.42 -15.35
N LYS B 218 13.36 3.56 -16.31
CA LYS B 218 12.59 2.35 -16.56
C LYS B 218 13.65 1.30 -16.78
N VAL B 219 13.93 0.24 -16.02
CA VAL B 219 14.95 -0.69 -16.44
C VAL B 219 14.26 -2.04 -16.69
N ASP B 220 14.76 -2.81 -17.65
CA ASP B 220 14.26 -4.15 -17.86
C ASP B 220 15.43 -5.12 -17.64
N LYS B 221 15.25 -6.07 -16.71
CA LYS B 221 16.26 -7.05 -16.35
C LYS B 221 15.94 -8.47 -16.71
N LYS B 222 16.61 -9.06 -17.72
CA LYS B 222 16.42 -10.47 -18.04
C LYS B 222 16.99 -11.23 -16.88
N ILE B 223 16.25 -12.05 -16.15
CA ILE B 223 16.94 -12.75 -15.12
C ILE B 223 17.42 -13.99 -15.89
N VAL B 224 18.73 -14.05 -15.88
CA VAL B 224 19.50 -15.05 -16.62
C VAL B 224 19.97 -16.13 -15.67
N PRO B 225 20.16 -17.37 -16.13
CA PRO B 225 20.63 -18.45 -15.27
C PRO B 225 22.02 -18.14 -14.72
N ARG B 226 22.16 -18.64 -13.51
CA ARG B 226 23.35 -18.53 -12.69
C ARG B 226 24.62 -19.00 -13.37
N ASP B 227 25.75 -18.29 -13.22
CA ASP B 227 26.97 -18.81 -13.81
C ASP B 227 27.85 -19.21 -12.66
N CYS B 228 28.70 -20.14 -13.01
CA CYS B 228 29.63 -20.80 -12.10
C CYS B 228 31.06 -20.50 -12.58
N VAL C 9 -30.31 19.14 4.24
CA VAL C 9 -30.36 20.26 3.33
C VAL C 9 -31.56 20.10 2.42
N ALA C 11 -33.30 22.42 -0.66
CA ALA C 11 -33.25 22.64 -2.09
C ALA C 11 -32.10 23.44 -2.61
#